data_6JZD
#
_entry.id   6JZD
#
_cell.length_a   74.004
_cell.length_b   111.339
_cell.length_c   126.317
_cell.angle_alpha   90.00
_cell.angle_beta   90.00
_cell.angle_gamma   90.00
#
_symmetry.space_group_name_H-M   'C 2 2 21'
#
loop_
_entity.id
_entity.type
_entity.pdbx_description
1 polymer 'Tubulinyl-Tyr carboxypeptidase 2'
2 polymer 'Small vasohibin-binding protein'
3 polymer GLU-GLY-GLU-GLU-TYR
4 water water
#
loop_
_entity_poly.entity_id
_entity_poly.type
_entity_poly.pdbx_seq_one_letter_code
_entity_poly.pdbx_strand_id
1 'polypeptide(L)'
;MTGSAADTHRCPHPKITKGTRSRSSHARPVSLATSGGSEEEDKDGGVLFHVNKSGFPIDSHTWERMWLHVAKVHPRGGEM
VGAIRNAAFLAKPSIPQVPNYRLSMTIPDWLQAIQNYMKTLQYNHTGTQFFEIRKMRPLSGLMETAKEMTRESLPIKALE
AVILGIYLTNGQPSIERFPISFKTYFSGNYFHHVVLGIYCNGYYGSLGMSRRAELMDKPLTFRTLSDLVFDFEDSYKKYL
HTVKKVKIGLYVPHEPHSFQPIEWKQLVLNVSKMLRADIRKELEKYARDMRMKILKPASAHSPTQVRSRGKSLSPRRRQA
SPPRRLGRRDKSPALTEKKVADLGTLNEVGYQIRI
;
A
2 'polypeptide(L)'
;MHHHHHHHHHHSGDEVDAGSGHMDPPARKEKTKVKESVSRVEKAKQKSAQQELKQRQRAEIYALNRVMTELEQQQFDEFC
KQMQPPGE
;
B
3 'polypeptide(L)' VDSVEGEGEEEGEEY C
#
# COMPACT_ATOMS: atom_id res chain seq x y z
N PHE A 49 -14.54 -2.32 -3.79
CA PHE A 49 -14.04 -2.42 -5.16
C PHE A 49 -13.99 -1.05 -5.82
N HIS A 50 -14.48 -0.04 -5.11
CA HIS A 50 -14.68 1.28 -5.66
C HIS A 50 -13.46 2.17 -5.47
N VAL A 51 -13.32 3.16 -6.36
CA VAL A 51 -12.18 4.08 -6.40
C VAL A 51 -12.69 5.50 -6.58
N ASN A 52 -12.24 6.42 -5.71
CA ASN A 52 -12.67 7.82 -5.86
C ASN A 52 -11.97 8.46 -7.06
N LYS A 53 -12.73 8.69 -8.12
CA LYS A 53 -12.23 9.40 -9.29
C LYS A 53 -12.76 10.82 -9.40
N SER A 54 -13.42 11.32 -8.35
CA SER A 54 -14.08 12.62 -8.37
C SER A 54 -13.32 13.70 -7.60
N GLY A 55 -12.10 13.42 -7.13
CA GLY A 55 -11.34 14.45 -6.46
C GLY A 55 -11.86 14.73 -5.06
N PHE A 56 -11.58 15.96 -4.59
CA PHE A 56 -11.91 16.36 -3.21
C PHE A 56 -12.46 17.78 -3.18
N PRO A 57 -13.65 17.99 -2.60
CA PRO A 57 -14.40 16.96 -1.88
C PRO A 57 -15.00 15.89 -2.76
N ILE A 58 -15.11 14.69 -2.18
CA ILE A 58 -15.71 13.54 -2.85
C ILE A 58 -17.13 13.89 -3.24
N ASP A 59 -17.54 13.51 -4.44
CA ASP A 59 -18.85 13.90 -4.92
C ASP A 59 -19.91 12.96 -4.37
N SER A 60 -21.17 13.33 -4.59
CA SER A 60 -22.28 12.65 -3.94
C SER A 60 -22.41 11.20 -4.39
N HIS A 61 -22.33 10.94 -5.69
CA HIS A 61 -22.49 9.57 -6.14
C HIS A 61 -21.42 8.67 -5.55
N THR A 62 -20.16 9.14 -5.52
CA THR A 62 -19.10 8.34 -4.92
C THR A 62 -19.30 8.20 -3.42
N TRP A 63 -19.78 9.26 -2.79
CA TRP A 63 -19.97 9.26 -1.34
C TRP A 63 -21.03 8.23 -0.95
N GLU A 64 -22.17 8.24 -1.65
CA GLU A 64 -23.24 7.32 -1.31
C GLU A 64 -22.82 5.88 -1.53
N ARG A 65 -22.08 5.63 -2.61
CA ARG A 65 -21.63 4.26 -2.89
C ARG A 65 -20.71 3.74 -1.79
N MET A 66 -19.92 4.62 -1.18
CA MET A 66 -19.14 4.19 -0.04
C MET A 66 -20.03 3.73 1.10
N TRP A 67 -21.03 4.55 1.45
CA TRP A 67 -21.87 4.24 2.59
C TRP A 67 -22.75 3.01 2.32
N LEU A 68 -23.27 2.89 1.11
CA LEU A 68 -24.07 1.70 0.80
C LEU A 68 -23.23 0.45 0.92
N HIS A 69 -21.96 0.53 0.52
CA HIS A 69 -21.08 -0.62 0.65
C HIS A 69 -20.93 -1.02 2.12
N VAL A 70 -20.49 -0.08 2.97
CA VAL A 70 -20.26 -0.44 4.37
C VAL A 70 -21.55 -0.81 5.06
N ALA A 71 -22.68 -0.24 4.61
CA ALA A 71 -23.97 -0.65 5.18
C ALA A 71 -24.26 -2.11 4.87
N LYS A 72 -23.89 -2.56 3.67
CA LYS A 72 -24.13 -3.93 3.26
C LYS A 72 -23.19 -4.90 4.00
N VAL A 73 -21.90 -4.55 4.09
CA VAL A 73 -20.91 -5.42 4.71
C VAL A 73 -20.94 -5.40 6.23
N HIS A 74 -21.45 -4.34 6.84
CA HIS A 74 -21.34 -4.37 8.29
C HIS A 74 -22.60 -4.98 8.91
N PRO A 75 -22.42 -5.80 9.95
CA PRO A 75 -23.57 -6.54 10.50
C PRO A 75 -24.66 -5.65 11.07
N ARG A 76 -24.29 -4.56 11.72
CA ARG A 76 -25.24 -3.54 12.17
C ARG A 76 -25.19 -2.35 11.24
N GLY A 77 -25.23 -2.64 9.94
CA GLY A 77 -24.85 -1.65 8.93
C GLY A 77 -25.64 -0.36 9.03
N GLY A 78 -26.96 -0.45 9.02
CA GLY A 78 -27.77 0.75 9.01
C GLY A 78 -27.59 1.58 10.26
N GLU A 79 -27.62 0.93 11.42
CA GLU A 79 -27.50 1.64 12.69
C GLU A 79 -26.16 2.36 12.78
N MET A 80 -25.08 1.69 12.34
CA MET A 80 -23.75 2.26 12.46
C MET A 80 -23.52 3.41 11.47
N VAL A 81 -23.98 3.26 10.23
CA VAL A 81 -23.80 4.32 9.24
C VAL A 81 -24.55 5.57 9.67
N GLY A 82 -25.81 5.42 10.05
CA GLY A 82 -26.57 6.57 10.53
C GLY A 82 -25.91 7.26 11.70
N ALA A 83 -25.20 6.49 12.54
CA ALA A 83 -24.57 7.08 13.72
C ALA A 83 -23.49 8.07 13.31
N ILE A 84 -22.74 7.77 12.25
CA ILE A 84 -21.67 8.66 11.83
C ILE A 84 -22.21 9.84 11.06
N ARG A 85 -23.06 9.58 10.06
CA ARG A 85 -23.43 10.61 9.11
C ARG A 85 -24.30 11.67 9.77
N ASN A 86 -25.03 11.29 10.81
CA ASN A 86 -25.92 12.20 11.51
C ASN A 86 -25.28 12.85 12.73
N ALA A 87 -24.09 12.40 13.13
CA ALA A 87 -23.41 12.97 14.30
C ALA A 87 -23.39 14.50 14.22
N ALA A 88 -23.94 15.12 15.26
CA ALA A 88 -23.97 16.58 15.32
C ALA A 88 -22.59 17.17 15.14
N PHE A 89 -21.61 16.65 15.87
CA PHE A 89 -20.24 17.10 15.74
C PHE A 89 -19.30 15.91 15.81
N LEU A 90 -18.23 15.95 15.01
CA LEU A 90 -17.19 14.94 15.07
C LEU A 90 -15.85 15.60 15.30
N ALA A 91 -15.02 14.98 16.13
CA ALA A 91 -13.68 15.48 16.33
C ALA A 91 -12.90 15.49 15.03
N LYS A 92 -12.19 16.59 14.76
CA LYS A 92 -11.27 16.66 13.64
C LYS A 92 -10.05 15.79 13.91
N PRO A 93 -9.81 14.73 13.13
CA PRO A 93 -8.62 13.92 13.35
C PRO A 93 -7.36 14.75 13.20
N SER A 94 -6.40 14.49 14.09
CA SER A 94 -5.11 15.17 13.96
C SER A 94 -4.47 14.84 12.62
N ILE A 95 -3.74 15.81 12.09
CA ILE A 95 -3.11 15.70 10.77
C ILE A 95 -1.62 15.48 10.99
N PRO A 96 -1.07 14.31 10.69
CA PRO A 96 0.36 14.07 10.94
C PRO A 96 1.21 14.93 10.00
N GLN A 97 2.32 15.44 10.52
CA GLN A 97 3.21 16.20 9.66
C GLN A 97 3.93 15.25 8.70
N VAL A 98 4.13 15.73 7.49
CA VAL A 98 4.89 14.94 6.51
C VAL A 98 6.33 14.82 6.98
N PRO A 99 6.92 13.64 7.02
CA PRO A 99 8.30 13.52 7.50
C PRO A 99 9.25 14.28 6.59
N ASN A 100 10.25 14.90 7.19
CA ASN A 100 11.34 15.57 6.49
C ASN A 100 12.64 14.88 6.83
N TYR A 101 13.48 14.64 5.83
CA TYR A 101 14.77 14.01 6.09
C TYR A 101 15.69 14.97 6.82
N ARG A 102 16.40 14.47 7.82
CA ARG A 102 17.26 15.28 8.66
C ARG A 102 18.62 14.61 8.78
N LEU A 103 19.66 15.44 8.99
CA LEU A 103 21.02 14.92 9.08
C LEU A 103 21.21 13.98 10.26
N SER A 104 20.39 14.12 11.30
CA SER A 104 20.43 13.20 12.44
C SER A 104 19.87 11.82 12.11
N MET A 105 19.29 11.62 10.94
CA MET A 105 18.71 10.33 10.57
C MET A 105 19.69 9.44 9.82
N THR A 106 19.71 8.17 10.20
CA THR A 106 20.22 7.13 9.31
C THR A 106 19.18 6.84 8.24
N ILE A 107 19.63 6.12 7.20
CA ILE A 107 18.68 5.59 6.21
C ILE A 107 17.61 4.75 6.84
N PRO A 108 17.89 3.74 7.68
CA PRO A 108 16.81 3.03 8.38
C PRO A 108 15.90 3.96 9.17
N ASP A 109 16.46 4.96 9.87
CA ASP A 109 15.64 5.97 10.56
C ASP A 109 14.67 6.64 9.61
N TRP A 110 15.16 7.08 8.45
CA TRP A 110 14.30 7.77 7.49
C TRP A 110 13.19 6.85 7.02
N LEU A 111 13.54 5.62 6.61
CA LEU A 111 12.53 4.65 6.20
C LEU A 111 11.52 4.39 7.29
N GLN A 112 11.99 4.32 8.54
CA GLN A 112 11.04 4.10 9.62
C GLN A 112 10.12 5.29 9.76
N ALA A 113 10.65 6.50 9.62
CA ALA A 113 9.81 7.68 9.72
C ALA A 113 8.76 7.70 8.62
N ILE A 114 9.17 7.37 7.39
CA ILE A 114 8.22 7.27 6.28
C ILE A 114 7.16 6.23 6.60
N GLN A 115 7.59 5.05 7.04
CA GLN A 115 6.64 3.97 7.35
C GLN A 115 5.67 4.36 8.46
N ASN A 116 6.17 5.09 9.47
CA ASN A 116 5.29 5.53 10.56
C ASN A 116 4.28 6.54 10.08
N TYR A 117 4.68 7.44 9.18
CA TYR A 117 3.71 8.33 8.54
C TYR A 117 2.60 7.53 7.88
N MET A 118 2.97 6.53 7.09
CA MET A 118 1.99 5.69 6.41
C MET A 118 1.08 4.98 7.41
N LYS A 119 1.65 4.42 8.48
CA LYS A 119 0.80 3.80 9.49
C LYS A 119 -0.15 4.80 10.11
N THR A 120 0.29 6.04 10.26
CA THR A 120 -0.55 7.05 10.88
C THR A 120 -1.70 7.44 9.96
N LEU A 121 -1.46 7.44 8.64
CA LEU A 121 -2.56 7.69 7.72
C LEU A 121 -3.59 6.58 7.83
N GLN A 122 -3.15 5.38 8.21
CA GLN A 122 -3.92 4.16 8.43
C GLN A 122 -4.24 3.41 7.15
N TYR A 123 -4.32 2.09 7.26
CA TYR A 123 -4.77 1.29 6.14
C TYR A 123 -6.26 1.54 5.91
N ASN A 124 -6.63 1.66 4.64
CA ASN A 124 -8.00 2.02 4.24
C ASN A 124 -8.89 0.77 4.23
N HIS A 125 -9.78 0.65 5.23
CA HIS A 125 -10.71 -0.48 5.34
C HIS A 125 -12.12 -0.15 4.87
N THR A 126 -12.33 1.00 4.23
CA THR A 126 -13.70 1.44 3.96
C THR A 126 -14.31 0.80 2.72
N GLY A 127 -13.51 0.14 1.88
CA GLY A 127 -13.98 -0.36 0.62
C GLY A 127 -13.93 0.63 -0.53
N THR A 128 -13.48 1.86 -0.29
CA THR A 128 -13.40 2.90 -1.30
C THR A 128 -12.00 3.49 -1.29
N GLN A 129 -11.20 3.16 -2.30
CA GLN A 129 -9.93 3.82 -2.47
C GLN A 129 -10.16 5.30 -2.80
N PHE A 130 -9.42 6.18 -2.14
CA PHE A 130 -9.68 7.60 -2.20
C PHE A 130 -8.84 8.35 -3.23
N PHE A 131 -7.72 7.79 -3.67
CA PHE A 131 -6.89 8.38 -4.71
C PHE A 131 -6.79 7.41 -5.89
N GLU A 132 -7.08 7.90 -7.09
CA GLU A 132 -6.97 7.05 -8.26
C GLU A 132 -5.51 6.94 -8.67
N ILE A 133 -4.98 5.73 -8.65
CA ILE A 133 -3.64 5.44 -9.11
C ILE A 133 -3.76 4.71 -10.44
N ARG A 134 -3.46 5.37 -11.54
CA ARG A 134 -3.34 4.68 -12.82
C ARG A 134 -1.90 4.23 -12.98
N LYS A 135 -1.66 2.93 -12.77
CA LYS A 135 -0.29 2.39 -12.62
C LYS A 135 0.59 2.73 -13.81
N MET A 136 0.01 2.78 -15.01
CA MET A 136 0.74 3.02 -16.24
C MET A 136 1.02 4.49 -16.52
N ARG A 137 0.54 5.41 -15.67
CA ARG A 137 0.80 6.83 -15.89
C ARG A 137 2.29 7.12 -15.80
N PRO A 138 2.74 8.21 -16.43
CA PRO A 138 4.10 8.70 -16.18
C PRO A 138 4.30 8.98 -14.70
N LEU A 139 5.55 8.80 -14.25
CA LEU A 139 5.88 9.07 -12.86
C LEU A 139 5.44 10.46 -12.43
N SER A 140 5.61 11.46 -13.31
CA SER A 140 5.32 12.83 -12.90
C SER A 140 3.89 12.97 -12.41
N GLY A 141 2.94 12.38 -13.13
CA GLY A 141 1.56 12.39 -12.65
C GLY A 141 1.39 11.62 -11.36
N LEU A 142 2.03 10.44 -11.26
CA LEU A 142 1.92 9.67 -10.03
C LEU A 142 2.48 10.45 -8.84
N MET A 143 3.53 11.24 -9.06
CA MET A 143 4.07 12.07 -8.00
C MET A 143 3.12 13.18 -7.59
N GLU A 144 2.43 13.79 -8.57
CA GLU A 144 1.36 14.75 -8.23
C GLU A 144 0.33 14.11 -7.31
N THR A 145 -0.11 12.88 -7.62
CA THR A 145 -1.09 12.21 -6.79
C THR A 145 -0.53 11.99 -5.39
N ALA A 146 0.76 11.69 -5.30
CA ALA A 146 1.40 11.50 -4.01
C ALA A 146 1.41 12.78 -3.18
N LYS A 147 1.75 13.94 -3.79
CA LYS A 147 1.59 15.20 -3.06
C LYS A 147 0.17 15.33 -2.56
N GLU A 148 -0.79 14.99 -3.41
CA GLU A 148 -2.19 15.13 -3.04
C GLU A 148 -2.52 14.27 -1.82
N MET A 149 -1.91 13.09 -1.72
CA MET A 149 -2.11 12.26 -0.54
C MET A 149 -1.56 12.92 0.72
N THR A 150 -0.43 13.61 0.62
CA THR A 150 0.07 14.30 1.81
C THR A 150 -0.79 15.50 2.17
N ARG A 151 -1.55 16.06 1.22
CA ARG A 151 -2.42 17.20 1.53
C ARG A 151 -3.75 16.76 2.12
N GLU A 152 -4.40 15.75 1.55
CA GLU A 152 -5.71 15.35 2.05
C GLU A 152 -5.61 14.47 3.30
N SER A 153 -4.53 13.70 3.45
CA SER A 153 -4.22 13.00 4.70
C SER A 153 -5.35 12.05 5.11
N LEU A 154 -5.66 11.14 4.19
CA LEU A 154 -6.69 10.13 4.32
C LEU A 154 -6.07 8.75 4.38
N PRO A 155 -6.84 7.72 4.73
CA PRO A 155 -6.33 6.35 4.70
C PRO A 155 -5.93 5.93 3.30
N ILE A 156 -4.98 5.00 3.21
CA ILE A 156 -4.45 4.55 1.93
C ILE A 156 -4.36 3.03 1.89
N LYS A 157 -4.36 2.48 0.66
CA LYS A 157 -4.17 1.04 0.45
C LYS A 157 -2.75 0.79 -0.08
N ALA A 158 -2.46 -0.47 -0.43
CA ALA A 158 -1.09 -0.89 -0.74
C ALA A 158 -0.52 -0.15 -1.94
N LEU A 159 -1.30 -0.05 -3.01
CA LEU A 159 -0.80 0.59 -4.21
C LEU A 159 -0.48 2.06 -3.96
N GLU A 160 -1.32 2.76 -3.19
CA GLU A 160 -1.04 4.16 -2.90
C GLU A 160 0.18 4.33 -2.02
N ALA A 161 0.35 3.42 -1.04
CA ALA A 161 1.55 3.46 -0.21
C ALA A 161 2.80 3.34 -1.05
N VAL A 162 2.77 2.49 -2.07
CA VAL A 162 3.91 2.35 -2.96
C VAL A 162 4.23 3.68 -3.64
N ILE A 163 3.21 4.35 -4.14
CA ILE A 163 3.43 5.63 -4.83
C ILE A 163 3.97 6.65 -3.85
N LEU A 164 3.43 6.67 -2.64
CA LEU A 164 3.85 7.60 -1.61
C LEU A 164 5.27 7.29 -1.11
N GLY A 165 5.64 6.01 -1.05
CA GLY A 165 7.00 5.66 -0.68
C GLY A 165 8.02 6.08 -1.72
N ILE A 166 7.62 6.10 -2.99
CA ILE A 166 8.53 6.59 -4.02
C ILE A 166 8.72 8.09 -3.87
N TYR A 167 7.61 8.81 -3.78
CA TYR A 167 7.62 10.25 -3.55
C TYR A 167 8.50 10.62 -2.37
N LEU A 168 8.35 9.92 -1.25
CA LEU A 168 9.05 10.33 -0.05
C LEU A 168 10.52 9.92 -0.01
N THR A 169 11.01 9.09 -0.93
CA THR A 169 12.41 8.71 -1.00
C THR A 169 13.08 9.22 -2.26
N ASN A 170 12.38 9.99 -3.10
CA ASN A 170 13.01 10.54 -4.30
C ASN A 170 14.24 11.37 -3.96
N GLY A 171 14.32 11.92 -2.74
CA GLY A 171 15.45 12.74 -2.35
C GLY A 171 16.71 12.04 -1.88
N GLN A 172 16.69 10.71 -1.74
CA GLN A 172 17.83 9.96 -1.23
C GLN A 172 18.34 9.09 -2.37
N PRO A 173 19.32 9.55 -3.12
CA PRO A 173 19.73 8.83 -4.34
C PRO A 173 20.33 7.47 -4.06
N SER A 174 20.74 7.19 -2.82
CA SER A 174 21.33 5.90 -2.47
C SER A 174 20.29 4.85 -2.06
N ILE A 175 19.01 5.23 -2.01
CA ILE A 175 17.93 4.28 -1.81
C ILE A 175 17.35 3.95 -3.18
N GLU A 176 17.40 2.69 -3.57
CA GLU A 176 16.75 2.24 -4.80
C GLU A 176 15.40 1.62 -4.46
N ARG A 177 14.42 1.84 -5.33
CA ARG A 177 13.04 1.47 -5.06
C ARG A 177 12.54 0.63 -6.22
N PHE A 178 11.80 -0.42 -5.91
CA PHE A 178 11.25 -1.24 -6.98
C PHE A 178 10.04 -1.99 -6.47
N PRO A 179 8.95 -2.02 -7.22
CA PRO A 179 7.74 -2.70 -6.76
C PRO A 179 7.91 -4.22 -6.77
N ILE A 180 7.37 -4.84 -5.72
CA ILE A 180 7.24 -6.28 -5.61
C ILE A 180 5.75 -6.57 -5.44
N SER A 181 5.21 -7.35 -6.35
CA SER A 181 3.79 -7.66 -6.40
C SER A 181 3.56 -9.15 -6.18
N PHE A 182 2.42 -9.46 -5.56
CA PHE A 182 2.01 -10.83 -5.27
C PHE A 182 0.58 -11.05 -5.70
N LYS A 183 0.35 -12.16 -6.41
CA LYS A 183 -0.98 -12.71 -6.59
C LYS A 183 -1.05 -13.96 -5.72
N THR A 184 -1.97 -13.97 -4.75
CA THR A 184 -2.12 -15.10 -3.87
C THR A 184 -3.51 -15.70 -4.01
N TYR A 185 -3.63 -16.93 -3.53
CA TYR A 185 -4.89 -17.66 -3.51
C TYR A 185 -5.27 -17.91 -2.07
N PHE A 186 -6.55 -17.70 -1.75
CA PHE A 186 -7.07 -18.05 -0.44
C PHE A 186 -8.55 -18.38 -0.59
N SER A 187 -8.90 -19.62 -0.24
CA SER A 187 -10.27 -20.13 -0.18
C SER A 187 -11.14 -19.59 -1.31
N GLY A 188 -10.75 -19.96 -2.54
CA GLY A 188 -11.57 -19.72 -3.69
C GLY A 188 -11.42 -18.38 -4.38
N ASN A 189 -10.56 -17.50 -3.88
CA ASN A 189 -10.34 -16.21 -4.53
C ASN A 189 -8.86 -15.90 -4.68
N TYR A 190 -8.56 -15.10 -5.69
CA TYR A 190 -7.24 -14.55 -5.90
C TYR A 190 -7.15 -13.16 -5.27
N PHE A 191 -5.97 -12.84 -4.76
CA PHE A 191 -5.72 -11.55 -4.13
C PHE A 191 -4.45 -10.97 -4.73
N HIS A 192 -4.45 -9.66 -4.91
CA HIS A 192 -3.29 -8.96 -5.44
C HIS A 192 -2.81 -7.99 -4.37
N HIS A 193 -1.49 -7.95 -4.21
CA HIS A 193 -0.90 -7.10 -3.19
C HIS A 193 0.41 -6.60 -3.74
N VAL A 194 0.86 -5.47 -3.22
CA VAL A 194 2.08 -4.87 -3.75
C VAL A 194 2.75 -4.11 -2.61
N VAL A 195 4.07 -4.13 -2.61
CA VAL A 195 4.87 -3.40 -1.64
C VAL A 195 6.01 -2.76 -2.40
N LEU A 196 6.75 -1.91 -1.70
CA LEU A 196 7.88 -1.21 -2.30
C LEU A 196 9.19 -1.82 -1.82
N GLY A 197 9.84 -2.58 -2.70
CA GLY A 197 11.14 -3.12 -2.37
C GLY A 197 12.19 -2.03 -2.30
N ILE A 198 13.14 -2.21 -1.40
CA ILE A 198 14.17 -1.22 -1.14
C ILE A 198 15.51 -1.91 -1.19
N TYR A 199 16.46 -1.30 -1.87
CA TYR A 199 17.82 -1.79 -1.88
C TYR A 199 18.72 -0.66 -1.45
N CYS A 200 19.59 -0.90 -0.47
CA CYS A 200 20.45 0.18 -0.04
C CYS A 200 21.70 -0.38 0.63
N ASN A 201 22.86 0.02 0.13
CA ASN A 201 24.14 -0.30 0.74
C ASN A 201 24.28 -1.81 0.92
N GLY A 202 23.75 -2.57 -0.03
CA GLY A 202 23.91 -4.01 -0.05
C GLY A 202 22.79 -4.83 0.57
N TYR A 203 21.79 -4.19 1.17
CA TYR A 203 20.70 -4.86 1.86
C TYR A 203 19.36 -4.58 1.21
N TYR A 204 18.41 -5.48 1.46
CA TYR A 204 17.07 -5.35 0.95
C TYR A 204 16.09 -5.17 2.10
N GLY A 205 15.02 -4.45 1.82
CA GLY A 205 13.92 -4.30 2.75
C GLY A 205 12.69 -3.88 1.98
N SER A 206 11.67 -3.43 2.70
CA SER A 206 10.50 -2.92 1.98
C SER A 206 9.72 -1.93 2.84
N LEU A 207 8.99 -1.04 2.15
CA LEU A 207 7.93 -0.23 2.71
C LEU A 207 6.60 -0.71 2.14
N GLY A 208 5.51 -0.53 2.88
CA GLY A 208 4.19 -0.66 2.28
C GLY A 208 3.08 -0.61 3.30
N MET A 209 1.87 -0.87 2.82
CA MET A 209 0.71 -0.93 3.69
C MET A 209 -0.12 -2.17 3.38
N SER A 210 -0.67 -2.76 4.43
CA SER A 210 -1.44 -3.97 4.33
C SER A 210 -2.37 -4.02 5.53
N ARG A 211 -3.41 -4.86 5.41
CA ARG A 211 -4.17 -5.24 6.59
C ARG A 211 -3.31 -6.00 7.59
N ARG A 212 -2.22 -6.61 7.15
CA ARG A 212 -1.42 -7.47 8.01
C ARG A 212 -0.03 -6.87 8.21
N ALA A 213 0.41 -6.86 9.46
CA ALA A 213 1.71 -6.30 9.83
C ALA A 213 2.86 -6.99 9.10
N GLU A 214 2.72 -8.27 8.81
CA GLU A 214 3.81 -9.06 8.23
C GLU A 214 3.85 -8.98 6.72
N LEU A 215 2.98 -8.20 6.11
CA LEU A 215 2.90 -8.10 4.66
C LEU A 215 3.13 -6.67 4.18
N MET A 216 4.04 -5.95 4.82
CA MET A 216 4.32 -4.57 4.43
C MET A 216 5.79 -4.22 4.68
N ASP A 217 6.09 -3.46 5.74
CA ASP A 217 7.47 -3.03 5.94
C ASP A 217 8.35 -4.18 6.40
N LYS A 218 9.59 -4.19 5.90
CA LYS A 218 10.57 -5.19 6.31
C LYS A 218 11.89 -4.46 6.52
N PRO A 219 12.57 -4.70 7.62
CA PRO A 219 13.83 -3.98 7.89
C PRO A 219 14.85 -4.22 6.79
N LEU A 220 15.81 -3.31 6.72
CA LEU A 220 16.86 -3.37 5.70
C LEU A 220 17.96 -4.30 6.17
N THR A 221 17.62 -5.59 6.30
CA THR A 221 18.55 -6.57 6.80
C THR A 221 18.59 -7.85 5.98
N PHE A 222 17.93 -7.89 4.83
CA PHE A 222 17.93 -9.09 3.99
C PHE A 222 19.11 -9.04 3.04
N ARG A 223 19.97 -10.07 3.09
CA ARG A 223 21.19 -10.04 2.27
C ARG A 223 20.91 -10.30 0.80
N THR A 224 19.74 -10.82 0.45
CA THR A 224 19.42 -11.12 -0.94
C THR A 224 17.96 -10.78 -1.18
N LEU A 225 17.64 -10.50 -2.46
CA LEU A 225 16.26 -10.37 -2.86
C LEU A 225 15.43 -11.62 -2.49
N SER A 226 16.03 -12.80 -2.63
CA SER A 226 15.32 -14.04 -2.32
C SER A 226 14.91 -14.09 -0.86
N ASP A 227 15.84 -13.76 0.05
CA ASP A 227 15.50 -13.79 1.47
C ASP A 227 14.32 -12.87 1.74
N LEU A 228 14.30 -11.71 1.08
CA LEU A 228 13.18 -10.80 1.26
C LEU A 228 11.89 -11.42 0.75
N VAL A 229 11.89 -11.85 -0.52
CA VAL A 229 10.70 -12.43 -1.10
C VAL A 229 10.24 -13.65 -0.31
N PHE A 230 11.19 -14.50 0.10
CA PHE A 230 10.83 -15.71 0.87
C PHE A 230 10.26 -15.36 2.22
N ASP A 231 10.65 -14.21 2.79
CA ASP A 231 10.04 -13.77 4.04
C ASP A 231 8.58 -13.38 3.83
N PHE A 232 8.27 -12.73 2.72
CA PHE A 232 6.86 -12.51 2.38
C PHE A 232 6.10 -13.81 2.21
N GLU A 233 6.69 -14.79 1.49
CA GLU A 233 5.97 -16.05 1.30
C GLU A 233 5.70 -16.72 2.65
N ASP A 234 6.67 -16.69 3.56
CA ASP A 234 6.45 -17.31 4.86
C ASP A 234 5.43 -16.52 5.68
N SER A 235 5.37 -15.21 5.48
CA SER A 235 4.37 -14.39 6.14
C SER A 235 2.98 -14.69 5.60
N TYR A 236 2.85 -14.90 4.29
CA TYR A 236 1.57 -15.30 3.71
C TYR A 236 1.11 -16.67 4.25
N LYS A 237 2.04 -17.58 4.55
CA LYS A 237 1.68 -18.88 5.11
C LYS A 237 0.88 -18.73 6.40
N LYS A 238 1.18 -17.71 7.22
CA LYS A 238 0.47 -17.47 8.48
C LYS A 238 -1.02 -17.29 8.25
N TYR A 239 -1.39 -16.71 7.12
CA TYR A 239 -2.76 -16.39 6.81
C TYR A 239 -3.36 -17.36 5.81
N LEU A 240 -2.71 -18.50 5.59
CA LEU A 240 -3.22 -19.59 4.75
C LEU A 240 -3.32 -19.18 3.28
N HIS A 241 -2.51 -18.20 2.89
CA HIS A 241 -2.42 -17.75 1.50
C HIS A 241 -1.33 -18.52 0.77
N THR A 242 -1.66 -19.07 -0.37
CA THR A 242 -0.68 -19.67 -1.27
C THR A 242 -0.27 -18.62 -2.28
N VAL A 243 1.03 -18.38 -2.44
CA VAL A 243 1.52 -17.39 -3.39
C VAL A 243 1.52 -17.99 -4.79
N LYS A 244 0.73 -17.41 -5.70
CA LYS A 244 0.66 -17.88 -7.08
C LYS A 244 1.69 -17.20 -7.99
N LYS A 245 1.77 -15.86 -7.97
CA LYS A 245 2.75 -15.12 -8.78
C LYS A 245 3.48 -14.09 -7.94
N VAL A 246 4.76 -13.91 -8.27
CA VAL A 246 5.57 -12.83 -7.74
C VAL A 246 6.07 -12.02 -8.93
N LYS A 247 5.95 -10.69 -8.84
CA LYS A 247 6.32 -9.80 -9.93
C LYS A 247 7.21 -8.71 -9.38
N ILE A 248 8.43 -8.62 -9.91
CA ILE A 248 9.42 -7.64 -9.50
C ILE A 248 9.57 -6.63 -10.64
N GLY A 249 9.51 -5.34 -10.30
CA GLY A 249 9.73 -4.28 -11.27
C GLY A 249 11.19 -3.87 -11.35
N LEU A 250 11.42 -2.78 -12.08
CA LEU A 250 12.72 -2.14 -12.18
C LEU A 250 12.87 -1.07 -11.10
N TYR A 251 14.12 -0.67 -10.86
CA TYR A 251 14.39 0.53 -10.06
C TYR A 251 13.59 1.72 -10.59
N VAL A 252 12.97 2.45 -9.68
CA VAL A 252 12.21 3.63 -10.08
C VAL A 252 13.16 4.81 -10.12
N PRO A 253 13.15 5.59 -11.19
CA PRO A 253 14.00 6.78 -11.24
C PRO A 253 13.63 7.78 -10.14
N HIS A 254 14.65 8.48 -9.66
CA HIS A 254 14.50 9.48 -8.60
C HIS A 254 14.02 10.84 -9.12
N GLU A 255 13.93 11.03 -10.43
CA GLU A 255 13.50 12.30 -11.03
C GLU A 255 12.01 12.48 -10.84
N PRO A 256 11.55 13.42 -10.00
CA PRO A 256 10.11 13.52 -9.70
C PRO A 256 9.25 13.94 -10.89
N HIS A 257 9.85 14.45 -11.97
CA HIS A 257 9.12 14.83 -13.17
C HIS A 257 9.45 13.91 -14.34
N SER A 258 9.67 12.64 -14.05
CA SER A 258 10.00 11.69 -15.10
C SER A 258 8.83 11.48 -16.03
N PHE A 259 9.12 11.43 -17.33
CA PHE A 259 8.16 10.99 -18.33
C PHE A 259 7.99 9.48 -18.37
N GLN A 260 8.85 8.74 -17.69
CA GLN A 260 8.75 7.29 -17.75
C GLN A 260 7.72 6.79 -16.75
N PRO A 261 7.00 5.75 -17.08
CA PRO A 261 6.13 5.07 -16.12
C PRO A 261 6.92 4.04 -15.30
N ILE A 262 6.28 3.54 -14.25
CA ILE A 262 6.86 2.44 -13.50
C ILE A 262 6.73 1.14 -14.29
N GLU A 263 7.82 0.39 -14.36
CA GLU A 263 7.79 -0.99 -14.84
C GLU A 263 7.47 -1.89 -13.66
N TRP A 264 6.31 -2.54 -13.67
CA TRP A 264 5.89 -3.38 -12.56
C TRP A 264 6.26 -4.85 -12.73
N LYS A 265 6.48 -5.32 -13.96
CA LYS A 265 6.55 -6.74 -14.27
C LYS A 265 7.81 -7.07 -15.06
N GLN A 266 8.96 -6.58 -14.62
CA GLN A 266 10.19 -6.97 -15.29
C GLN A 266 10.42 -8.47 -15.14
N LEU A 267 10.15 -9.01 -13.96
CA LEU A 267 10.31 -10.42 -13.70
C LEU A 267 9.03 -10.98 -13.10
N VAL A 268 8.49 -12.02 -13.71
CA VAL A 268 7.25 -12.61 -13.26
C VAL A 268 7.49 -14.10 -13.04
N LEU A 269 7.27 -14.58 -11.83
CA LEU A 269 7.54 -15.98 -11.49
C LEU A 269 6.27 -16.64 -10.99
N ASN A 270 5.90 -17.78 -11.60
CA ASN A 270 4.76 -18.56 -11.15
C ASN A 270 5.21 -19.51 -10.04
N VAL A 271 5.41 -18.91 -8.86
CA VAL A 271 6.12 -19.62 -7.78
C VAL A 271 5.31 -20.80 -7.24
N SER A 272 3.99 -20.74 -7.33
CA SER A 272 3.20 -21.88 -6.87
C SER A 272 3.53 -23.14 -7.65
N LYS A 273 4.09 -23.00 -8.85
CA LYS A 273 4.42 -24.14 -9.69
C LYS A 273 5.91 -24.46 -9.65
N MET A 274 6.68 -23.87 -8.75
CA MET A 274 8.14 -24.00 -8.77
C MET A 274 8.66 -24.54 -7.45
N LEU A 275 9.76 -25.28 -7.52
CA LEU A 275 10.50 -25.64 -6.31
C LEU A 275 11.35 -24.46 -5.85
N ARG A 276 11.61 -24.41 -4.53
CA ARG A 276 12.17 -23.19 -3.94
C ARG A 276 13.55 -22.86 -4.48
N ALA A 277 14.36 -23.87 -4.76
CA ALA A 277 15.72 -23.63 -5.25
C ALA A 277 15.72 -22.92 -6.61
N ASP A 278 14.76 -23.25 -7.47
CA ASP A 278 14.66 -22.59 -8.77
C ASP A 278 14.12 -21.18 -8.65
N ILE A 279 13.25 -20.95 -7.67
CA ILE A 279 12.82 -19.59 -7.38
C ILE A 279 14.03 -18.75 -6.95
N ARG A 280 14.90 -19.32 -6.12
CA ARG A 280 16.04 -18.57 -5.60
C ARG A 280 17.04 -18.27 -6.71
N LYS A 281 17.34 -19.27 -7.54
CA LYS A 281 18.21 -19.08 -8.69
C LYS A 281 17.70 -17.94 -9.58
N GLU A 282 16.39 -17.91 -9.85
CA GLU A 282 15.82 -16.94 -10.78
C GLU A 282 15.86 -15.52 -10.23
N LEU A 283 15.58 -15.37 -8.92
CA LEU A 283 15.58 -14.06 -8.27
C LEU A 283 16.98 -13.53 -8.09
N GLU A 284 17.94 -14.41 -7.78
CA GLU A 284 19.32 -13.99 -7.65
C GLU A 284 19.89 -13.53 -8.98
N LYS A 285 19.61 -14.26 -10.06
CA LYS A 285 20.07 -13.82 -11.36
C LYS A 285 19.48 -12.45 -11.69
N TYR A 286 18.18 -12.28 -11.44
CA TYR A 286 17.53 -11.02 -11.75
C TYR A 286 18.06 -9.88 -10.90
N ALA A 287 18.18 -10.11 -9.59
CA ALA A 287 18.59 -9.04 -8.70
C ALA A 287 20.02 -8.60 -9.01
N ARG A 288 20.86 -9.52 -9.49
CA ARG A 288 22.23 -9.17 -9.86
C ARG A 288 22.24 -8.30 -11.10
N ASP A 289 21.33 -8.58 -12.05
CA ASP A 289 21.17 -7.71 -13.21
C ASP A 289 20.70 -6.31 -12.80
N MET A 290 19.74 -6.22 -11.87
CA MET A 290 19.32 -4.91 -11.39
C MET A 290 20.51 -4.11 -10.87
N ARG A 291 21.36 -4.74 -10.06
CA ARG A 291 22.45 -4.04 -9.40
C ARG A 291 23.58 -3.70 -10.36
N MET A 292 23.63 -4.29 -11.55
CA MET A 292 24.78 -4.07 -12.42
C MET A 292 24.35 -3.49 -13.76
N LYS A 293 23.77 -4.29 -14.65
CA LYS A 293 23.35 -3.77 -15.93
C LYS A 293 22.28 -2.69 -15.74
N ILE A 294 21.98 -2.04 -16.85
CA ILE A 294 20.78 -1.23 -16.98
C ILE A 294 19.90 -1.97 -17.99
N LEU A 295 18.77 -2.49 -17.53
CA LEU A 295 17.94 -3.42 -18.27
C LEU A 295 16.90 -2.69 -19.11
N LYS A 296 16.59 -3.25 -20.29
CA LYS A 296 15.50 -2.71 -21.08
C LYS A 296 14.18 -3.05 -20.39
N PRO A 297 13.29 -2.07 -20.18
CA PRO A 297 11.97 -2.38 -19.64
C PRO A 297 11.29 -3.50 -20.43
N ALA A 298 10.72 -4.47 -19.70
CA ALA A 298 10.03 -5.59 -20.34
C ALA A 298 8.92 -5.10 -21.27
N SER A 299 8.35 -3.95 -20.95
CA SER A 299 7.31 -3.33 -21.77
C SER A 299 7.92 -2.50 -22.91
N SER B 48 -14.44 28.80 3.36
CA SER B 48 -15.02 28.31 2.11
C SER B 48 -15.90 27.10 2.36
N ALA B 49 -17.00 27.02 1.60
CA ALA B 49 -17.90 25.88 1.70
C ALA B 49 -17.18 24.58 1.38
N GLN B 50 -16.26 24.63 0.41
CA GLN B 50 -15.53 23.43 0.01
C GLN B 50 -14.68 22.92 1.17
N GLN B 51 -13.96 23.81 1.85
CA GLN B 51 -13.00 23.35 2.85
C GLN B 51 -13.70 22.70 4.03
N GLU B 52 -14.84 23.25 4.46
CA GLU B 52 -15.51 22.63 5.60
C GLU B 52 -16.15 21.30 5.23
N LEU B 53 -16.50 21.12 3.96
CA LEU B 53 -17.03 19.84 3.52
C LEU B 53 -15.95 18.76 3.51
N LYS B 54 -14.73 19.13 3.11
CA LYS B 54 -13.64 18.17 3.11
C LYS B 54 -13.25 17.77 4.53
N GLN B 55 -13.48 18.66 5.50
CA GLN B 55 -13.10 18.32 6.86
C GLN B 55 -14.12 17.39 7.51
N ARG B 56 -15.40 17.66 7.29
CA ARG B 56 -16.43 16.77 7.78
C ARG B 56 -16.32 15.39 7.12
N GLN B 57 -16.01 15.36 5.83
CA GLN B 57 -15.80 14.08 5.15
C GLN B 57 -14.59 13.34 5.72
N ARG B 58 -13.52 14.08 6.03
CA ARG B 58 -12.36 13.44 6.62
C ARG B 58 -12.67 12.89 8.01
N ALA B 59 -13.43 13.65 8.82
CA ALA B 59 -13.84 13.15 10.12
C ALA B 59 -14.71 11.91 9.99
N GLU B 60 -15.63 11.90 9.03
CA GLU B 60 -16.49 10.73 8.86
C GLU B 60 -15.71 9.54 8.33
N ILE B 61 -14.71 9.77 7.47
CA ILE B 61 -13.92 8.66 6.95
C ILE B 61 -13.11 8.02 8.08
N TYR B 62 -12.53 8.83 8.95
CA TYR B 62 -11.74 8.23 10.01
C TYR B 62 -12.62 7.52 11.02
N ALA B 63 -13.81 8.06 11.32
CA ALA B 63 -14.71 7.29 12.18
C ALA B 63 -15.10 5.96 11.52
N LEU B 64 -15.44 6.00 10.23
CA LEU B 64 -15.77 4.75 9.53
C LEU B 64 -14.58 3.80 9.50
N ASN B 65 -13.38 4.32 9.24
CA ASN B 65 -12.22 3.46 9.17
C ASN B 65 -11.98 2.75 10.50
N ARG B 66 -12.29 3.41 11.61
CA ARG B 66 -12.14 2.73 12.89
C ARG B 66 -13.13 1.57 12.99
N VAL B 67 -14.38 1.82 12.63
CA VAL B 67 -15.42 0.79 12.74
C VAL B 67 -15.07 -0.43 11.89
N MET B 68 -14.61 -0.21 10.65
CA MET B 68 -14.33 -1.33 9.78
C MET B 68 -13.06 -2.05 10.19
N THR B 69 -12.10 -1.32 10.76
CA THR B 69 -10.92 -1.97 11.31
C THR B 69 -11.28 -2.87 12.47
N GLU B 70 -12.20 -2.41 13.33
CA GLU B 70 -12.66 -3.23 14.43
C GLU B 70 -13.43 -4.44 13.92
N LEU B 71 -14.32 -4.23 12.94
CA LEU B 71 -15.05 -5.33 12.35
C LEU B 71 -14.10 -6.36 11.73
N GLU B 72 -13.11 -5.88 10.97
CA GLU B 72 -12.19 -6.79 10.32
C GLU B 72 -11.42 -7.60 11.35
N GLN B 73 -11.20 -7.01 12.53
CA GLN B 73 -10.43 -7.70 13.56
C GLN B 73 -11.24 -8.82 14.21
N GLN B 74 -12.50 -8.56 14.55
CA GLN B 74 -13.27 -9.60 15.21
C GLN B 74 -13.76 -10.65 14.22
N GLN B 75 -13.88 -10.30 12.94
CA GLN B 75 -14.10 -11.33 11.92
C GLN B 75 -12.89 -12.26 11.83
N PHE B 76 -11.69 -11.70 12.00
CA PHE B 76 -10.47 -12.51 11.95
C PHE B 76 -10.38 -13.45 13.13
N ASP B 77 -10.61 -12.93 14.35
CA ASP B 77 -10.62 -13.79 15.54
C ASP B 77 -11.73 -14.81 15.47
N GLU B 78 -12.90 -14.41 14.95
CA GLU B 78 -13.99 -15.35 14.72
C GLU B 78 -13.53 -16.50 13.85
N PHE B 79 -12.79 -16.20 12.77
CA PHE B 79 -12.32 -17.22 11.85
C PHE B 79 -11.34 -18.16 12.52
N CYS B 80 -10.39 -17.62 13.30
CA CYS B 80 -9.33 -18.45 13.86
C CYS B 80 -9.88 -19.49 14.81
N LYS B 81 -10.84 -19.11 15.64
CA LYS B 81 -11.35 -20.07 16.61
C LYS B 81 -12.22 -21.15 15.97
N GLN B 82 -12.70 -20.94 14.74
CA GLN B 82 -13.30 -22.04 14.01
C GLN B 82 -12.21 -22.79 13.22
N GLU C 11 -15.50 -15.39 6.25
CA GLU C 11 -14.59 -14.21 6.17
C GLU C 11 -13.62 -14.41 5.00
N GLY C 12 -13.11 -13.35 4.43
CA GLY C 12 -12.00 -13.43 3.49
C GLY C 12 -10.84 -12.65 4.09
N GLU C 13 -9.65 -13.21 4.01
CA GLU C 13 -8.43 -12.53 4.44
C GLU C 13 -8.00 -11.55 3.36
N GLU C 14 -8.26 -10.25 3.53
CA GLU C 14 -7.78 -9.39 2.43
C GLU C 14 -6.31 -9.01 2.60
N TYR C 15 -5.68 -8.63 1.47
CA TYR C 15 -4.26 -8.17 1.51
C TYR C 15 -3.36 -9.20 2.22
#